data_9F0U
#
_entry.id   9F0U
#
_cell.length_a   60.190
_cell.length_b   79.110
_cell.length_c   55.910
_cell.angle_alpha   90.000
_cell.angle_beta   90.000
_cell.angle_gamma   90.000
#
_symmetry.space_group_name_H-M   'P 21 21 2'
#
loop_
_entity.id
_entity.type
_entity.pdbx_description
1 polymer 'Carbapenem-hydrolyzing beta-lactamase KPC'
2 non-polymer GLYCEROL
3 non-polymer 'SULFATE ION'
4 non-polymer (9S)-7-oxidanyl-8-oxa-7-boranuidabicyclo[4.3.0]nona-1,3,5-triene-9-carbonitrile
5 non-polymer 'SODIUM ION'
6 water water
#
_entity_poly.entity_id   1
_entity_poly.type   'polypeptide(L)'
_entity_poly.pdbx_seq_one_letter_code
;MGSSHHHHHHSSGLVPRGSHMLTNLVAEPFAKLEQDFGGSIGVYAMDTGSGATVSYRAEERFPLCSSFKGFLAAAVLARS
QQQAGLLDTPIRYGKNALVPWSPISEKYLTTGMTVAELSAAAVQYSDNAAANLLLKELGGPAGLTAFMRSIGDTTFRLDR
WELELNSAIPGDARDTSSPRAVTESLQKLTLGSALAAPQRQQFVDWLKGNTTGNHRIRAAVPADWAVGDKTGTCGVYGTA
NDYAVVWPTGRAPIVLAVYTRAPNKDDKHSEAVIAAAARLALEGLGVNGQ
;
_entity_poly.pdbx_strand_id   A
#
# COMPACT_ATOMS: atom_id res chain seq x y z
N HIS A 20 2.96 -11.25 -22.33
CA HIS A 20 3.39 -10.07 -23.08
C HIS A 20 2.30 -9.59 -24.02
N MET A 21 1.63 -10.56 -24.64
CA MET A 21 0.63 -10.27 -25.66
C MET A 21 -0.47 -9.34 -25.15
N LEU A 22 -0.75 -9.37 -23.85
CA LEU A 22 -1.82 -8.56 -23.29
C LEU A 22 -1.29 -7.39 -22.47
N THR A 23 0.01 -7.13 -22.50
CA THR A 23 0.59 -6.01 -21.80
C THR A 23 0.66 -4.81 -22.73
N ASN A 24 0.18 -3.68 -22.24
CA ASN A 24 0.24 -2.41 -22.97
C ASN A 24 -0.29 -2.56 -24.39
N LEU A 25 -1.50 -3.12 -24.50
CA LEU A 25 -2.18 -3.14 -25.80
C LEU A 25 -2.38 -1.74 -26.35
N VAL A 26 -2.62 -0.77 -25.46
CA VAL A 26 -2.85 0.63 -25.80
C VAL A 26 -1.82 1.46 -25.04
N ALA A 27 -0.96 2.18 -25.78
CA ALA A 27 0.06 3.01 -25.15
C ALA A 27 -0.56 4.24 -24.53
N GLU A 28 0.03 4.70 -23.42
CA GLU A 28 -0.41 5.86 -22.69
C GLU A 28 0.79 6.75 -22.37
N PRO A 29 0.57 8.06 -22.24
CA PRO A 29 1.71 9.02 -22.13
C PRO A 29 2.28 9.16 -20.73
N PHE A 30 2.77 8.05 -20.17
CA PHE A 30 3.38 8.09 -18.84
C PHE A 30 4.68 8.89 -18.83
N ALA A 31 5.47 8.82 -19.92
CA ALA A 31 6.75 9.52 -19.94
C ALA A 31 6.55 11.02 -19.82
N LYS A 32 5.61 11.58 -20.56
CA LYS A 32 5.34 13.00 -20.45
C LYS A 32 4.87 13.35 -19.03
N LEU A 33 4.04 12.50 -18.44
CA LEU A 33 3.57 12.76 -17.09
C LEU A 33 4.72 12.83 -16.09
N GLU A 34 5.66 11.88 -16.16
CA GLU A 34 6.75 11.88 -15.17
C GLU A 34 7.72 13.01 -15.44
N GLN A 35 7.88 13.40 -16.71
CA GLN A 35 8.76 14.51 -17.02
C GLN A 35 8.20 15.82 -16.48
N ASP A 36 6.88 16.03 -16.62
CA ASP A 36 6.27 17.21 -16.04
C ASP A 36 6.38 17.19 -14.52
N PHE A 37 6.29 16.01 -13.91
CA PHE A 37 6.46 15.86 -12.47
C PHE A 37 7.90 16.13 -12.03
N GLY A 38 8.87 15.86 -12.90
CA GLY A 38 10.26 16.01 -12.53
C GLY A 38 10.88 14.80 -11.88
N GLY A 39 10.38 13.61 -12.16
CA GLY A 39 10.91 12.41 -11.54
C GLY A 39 10.52 11.19 -12.31
N SER A 40 10.30 10.11 -11.58
CA SER A 40 9.97 8.81 -12.15
C SER A 40 8.66 8.31 -11.58
N ILE A 41 7.83 7.75 -12.46
N ILE A 41 7.81 7.76 -12.44
CA ILE A 41 6.56 7.13 -12.09
CA ILE A 41 6.58 7.13 -11.99
C ILE A 41 6.59 5.66 -12.50
C ILE A 41 6.56 5.69 -12.47
N GLY A 42 6.17 4.79 -11.59
CA GLY A 42 6.07 3.38 -11.88
C GLY A 42 4.63 2.92 -11.68
N VAL A 43 4.12 2.19 -12.66
CA VAL A 43 2.70 1.81 -12.71
C VAL A 43 2.59 0.35 -13.13
N TYR A 44 1.78 -0.40 -12.40
N TYR A 44 1.72 -0.39 -12.44
CA TYR A 44 1.33 -1.70 -12.85
CA TYR A 44 1.35 -1.72 -12.91
C TYR A 44 -0.15 -1.77 -12.56
C TYR A 44 -0.10 -1.96 -12.54
N ALA A 45 -0.92 -2.20 -13.55
CA ALA A 45 -2.36 -2.37 -13.37
C ALA A 45 -2.78 -3.63 -14.09
N MET A 46 -3.62 -4.41 -13.43
CA MET A 46 -4.08 -5.70 -13.91
C MET A 46 -5.60 -5.73 -13.96
N ASP A 47 -6.13 -6.09 -15.13
CA ASP A 47 -7.54 -6.43 -15.27
C ASP A 47 -7.66 -7.91 -14.92
N THR A 48 -8.26 -8.21 -13.78
CA THR A 48 -8.31 -9.59 -13.31
C THR A 48 -9.28 -10.46 -14.12
N GLY A 49 -10.08 -9.87 -15.00
CA GLY A 49 -10.93 -10.67 -15.84
C GLY A 49 -10.17 -11.27 -16.99
N SER A 50 -9.52 -10.42 -17.78
CA SER A 50 -8.84 -10.85 -18.99
C SER A 50 -7.37 -11.15 -18.78
N GLY A 51 -6.77 -10.60 -17.73
CA GLY A 51 -5.35 -10.66 -17.54
C GLY A 51 -4.57 -9.58 -18.24
N ALA A 52 -5.25 -8.67 -18.93
CA ALA A 52 -4.55 -7.57 -19.57
C ALA A 52 -3.92 -6.67 -18.52
N THR A 53 -2.80 -6.07 -18.89
CA THR A 53 -2.05 -5.24 -17.97
C THR A 53 -1.60 -3.94 -18.64
N VAL A 54 -1.37 -2.94 -17.80
CA VAL A 54 -0.66 -1.72 -18.13
C VAL A 54 0.58 -1.68 -17.25
N SER A 55 1.72 -1.37 -17.86
N SER A 55 1.74 -1.47 -17.87
CA SER A 55 3.00 -1.52 -17.19
CA SER A 55 3.00 -1.51 -17.13
C SER A 55 3.95 -0.43 -17.65
C SER A 55 3.96 -0.44 -17.63
N TYR A 56 4.48 0.34 -16.69
CA TYR A 56 5.44 1.40 -16.99
C TYR A 56 6.41 1.48 -15.82
N ARG A 57 7.70 1.23 -16.08
CA ARG A 57 8.71 1.14 -15.03
C ARG A 57 8.28 0.18 -13.93
N ALA A 58 7.58 -0.88 -14.32
CA ALA A 58 6.86 -1.70 -13.33
C ALA A 58 7.77 -2.60 -12.50
N GLU A 59 8.97 -2.89 -12.99
CA GLU A 59 9.92 -3.73 -12.29
C GLU A 59 11.02 -2.92 -11.63
N GLU A 60 10.97 -1.60 -11.66
CA GLU A 60 11.91 -0.80 -10.91
C GLU A 60 11.52 -0.77 -9.44
N ARG A 61 12.52 -0.58 -8.59
CA ARG A 61 12.26 -0.42 -7.17
C ARG A 61 11.91 1.01 -6.82
N PHE A 62 10.94 1.16 -5.93
CA PHE A 62 10.53 2.44 -5.37
C PHE A 62 10.37 2.25 -3.86
N PRO A 63 10.65 3.27 -3.06
CA PRO A 63 10.41 3.14 -1.61
C PRO A 63 8.94 2.88 -1.31
N LEU A 64 8.71 2.00 -0.34
CA LEU A 64 7.36 1.69 0.11
C LEU A 64 6.73 2.83 0.89
N CYS A 65 7.52 3.52 1.72
CA CYS A 65 6.95 4.49 2.65
C CYS A 65 5.84 3.77 3.42
N SER A 66 4.75 4.45 3.75
CA SER A 66 3.74 3.81 4.57
C SER A 66 2.96 2.72 3.86
N SER A 67 3.16 2.52 2.55
CA SER A 67 2.36 1.50 1.87
C SER A 67 2.64 0.10 2.39
N PHE A 68 3.76 -0.13 3.06
CA PHE A 68 3.97 -1.45 3.65
C PHE A 68 2.92 -1.79 4.71
N LYS A 69 2.26 -0.78 5.28
CA LYS A 69 1.33 -1.03 6.39
C LYS A 69 0.12 -1.85 5.96
N GLY A 70 -0.28 -1.77 4.68
CA GLY A 70 -1.34 -2.67 4.23
C GLY A 70 -0.90 -4.13 4.30
N PHE A 71 0.28 -4.44 3.78
CA PHE A 71 0.81 -5.80 3.85
C PHE A 71 1.05 -6.23 5.28
N LEU A 72 1.44 -5.30 6.14
CA LEU A 72 1.56 -5.58 7.56
C LEU A 72 0.25 -6.09 8.14
N ALA A 73 -0.85 -5.37 7.87
CA ALA A 73 -2.15 -5.82 8.36
C ALA A 73 -2.53 -7.18 7.79
N ALA A 74 -2.22 -7.44 6.52
CA ALA A 74 -2.51 -8.74 5.95
C ALA A 74 -1.73 -9.85 6.66
N ALA A 75 -0.47 -9.56 7.02
CA ALA A 75 0.35 -10.53 7.73
C ALA A 75 -0.23 -10.83 9.10
N VAL A 76 -0.75 -9.81 9.79
CA VAL A 76 -1.43 -10.01 11.07
C VAL A 76 -2.66 -10.89 10.86
N LEU A 77 -3.45 -10.60 9.84
CA LEU A 77 -4.61 -11.43 9.56
C LEU A 77 -4.21 -12.88 9.26
N ALA A 78 -3.15 -13.09 8.49
CA ALA A 78 -2.69 -14.45 8.25
C ALA A 78 -2.36 -15.16 9.56
N ARG A 79 -1.64 -14.48 10.45
N ARG A 79 -1.64 -14.48 10.45
CA ARG A 79 -1.33 -15.10 11.73
CA ARG A 79 -1.32 -15.06 11.75
C ARG A 79 -2.59 -15.39 12.55
C ARG A 79 -2.60 -15.40 12.52
N SER A 80 -3.61 -14.53 12.43
CA SER A 80 -4.84 -14.73 13.18
C SER A 80 -5.59 -15.99 12.75
N GLN A 81 -5.30 -16.53 11.57
CA GLN A 81 -5.90 -17.78 11.14
C GLN A 81 -5.47 -18.93 12.03
N GLN A 82 -4.27 -18.85 12.61
CA GLN A 82 -3.78 -19.86 13.53
C GLN A 82 -3.92 -19.46 14.99
N GLN A 83 -4.19 -18.18 15.28
CA GLN A 83 -4.31 -17.68 16.65
C GLN A 83 -5.67 -16.97 16.77
N ALA A 84 -6.70 -17.74 17.14
CA ALA A 84 -8.06 -17.22 17.11
C ALA A 84 -8.28 -16.05 18.07
N GLY A 85 -7.45 -15.90 19.09
CA GLY A 85 -7.62 -14.78 19.99
C GLY A 85 -6.80 -13.56 19.65
N LEU A 86 -6.05 -13.58 18.55
CA LEU A 86 -5.06 -12.53 18.32
C LEU A 86 -5.71 -11.18 18.11
N LEU A 87 -6.71 -11.09 17.23
CA LEU A 87 -7.23 -9.77 16.86
C LEU A 87 -7.83 -9.05 18.06
N ASP A 88 -8.39 -9.80 19.01
CA ASP A 88 -9.01 -9.25 20.20
C ASP A 88 -8.03 -8.93 21.32
N THR A 89 -6.74 -9.19 21.13
CA THR A 89 -5.80 -9.06 22.25
C THR A 89 -5.54 -7.59 22.54
N PRO A 90 -5.72 -7.14 23.78
N PRO A 90 -5.64 -7.16 23.80
CA PRO A 90 -5.36 -5.76 24.13
CA PRO A 90 -5.41 -5.74 24.12
C PRO A 90 -3.85 -5.59 24.07
C PRO A 90 -3.90 -5.46 24.30
N ILE A 91 -3.43 -4.41 23.63
CA ILE A 91 -2.03 -4.01 23.63
C ILE A 91 -1.90 -2.67 24.34
N ARG A 92 -1.17 -2.66 25.44
N ARG A 92 -1.16 -2.65 25.45
CA ARG A 92 -0.78 -1.45 26.12
CA ARG A 92 -0.85 -1.40 26.13
C ARG A 92 0.57 -0.99 25.59
C ARG A 92 0.58 -0.99 25.83
N TYR A 93 0.79 0.32 25.64
CA TYR A 93 2.05 0.87 25.14
C TYR A 93 2.34 2.15 25.90
N GLY A 94 3.62 2.50 25.93
CA GLY A 94 4.01 3.71 26.62
C GLY A 94 4.13 4.90 25.71
N LYS A 95 4.32 6.06 26.33
CA LYS A 95 4.47 7.28 25.54
C LYS A 95 5.65 7.17 24.58
N ASN A 96 6.70 6.42 24.94
CA ASN A 96 7.85 6.26 24.06
C ASN A 96 7.51 5.51 22.76
N ALA A 97 6.37 4.83 22.70
CA ALA A 97 5.96 4.18 21.47
C ALA A 97 5.34 5.17 20.47
N LEU A 98 4.99 6.38 20.91
N LEU A 98 4.84 6.29 20.94
CA LEU A 98 4.20 7.30 20.09
CA LEU A 98 4.33 7.30 20.02
C LEU A 98 5.08 8.23 19.24
C LEU A 98 5.49 7.82 19.19
N VAL A 99 5.52 7.70 18.12
N VAL A 99 5.40 7.64 17.87
CA VAL A 99 6.34 8.47 17.19
CA VAL A 99 6.33 8.26 16.93
C VAL A 99 5.45 9.39 16.36
C VAL A 99 5.45 9.26 16.17
N PRO A 100 6.03 10.31 15.60
CA PRO A 100 5.22 11.25 14.83
C PRO A 100 4.26 10.55 13.89
N TRP A 101 3.09 11.19 13.72
CA TRP A 101 1.98 10.71 12.90
C TRP A 101 1.44 9.38 13.42
N SER A 102 0.86 9.47 14.61
CA SER A 102 0.17 8.36 15.26
C SER A 102 -1.20 8.87 15.69
N PRO A 103 -2.06 9.24 14.73
CA PRO A 103 -3.28 9.98 15.08
C PRO A 103 -4.31 9.18 15.86
N ILE A 104 -4.36 7.87 15.71
CA ILE A 104 -5.29 7.06 16.48
C ILE A 104 -4.67 6.59 17.79
N SER A 105 -3.47 6.01 17.74
N SER A 105 -3.48 5.98 17.69
CA SER A 105 -2.89 5.44 18.96
CA SER A 105 -2.80 5.47 18.88
C SER A 105 -2.60 6.51 20.00
C SER A 105 -2.74 6.52 19.97
N GLU A 106 -2.41 7.77 19.60
CA GLU A 106 -2.21 8.78 20.62
C GLU A 106 -3.47 9.02 21.46
N LYS A 107 -4.65 8.73 20.90
N LYS A 107 -4.65 8.73 20.90
CA LYS A 107 -5.93 8.91 21.58
CA LYS A 107 -5.90 8.93 21.63
C LYS A 107 -6.27 7.77 22.53
C LYS A 107 -6.20 7.81 22.62
N TYR A 108 -5.48 6.69 22.52
CA TYR A 108 -5.70 5.51 23.35
C TYR A 108 -4.44 5.16 24.15
N LEU A 109 -3.50 6.10 24.28
CA LEU A 109 -2.29 5.85 25.06
C LEU A 109 -2.63 5.38 26.47
N THR A 110 -3.61 5.99 27.11
CA THR A 110 -3.92 5.69 28.50
C THR A 110 -4.83 4.49 28.65
N THR A 111 -5.28 3.88 27.55
CA THR A 111 -6.21 2.76 27.61
C THR A 111 -5.69 1.49 26.95
N GLY A 112 -4.81 1.62 25.95
CA GLY A 112 -4.49 0.50 25.07
C GLY A 112 -5.47 0.38 23.91
N MET A 113 -5.11 -0.46 22.94
N MET A 113 -5.10 -0.46 22.94
CA MET A 113 -5.98 -0.79 21.81
CA MET A 113 -5.91 -0.75 21.75
C MET A 113 -5.79 -2.26 21.49
C MET A 113 -5.76 -2.24 21.44
N THR A 114 -6.76 -2.84 20.78
CA THR A 114 -6.62 -4.23 20.38
C THR A 114 -5.71 -4.35 19.14
N VAL A 115 -5.24 -5.57 18.88
CA VAL A 115 -4.46 -5.83 17.67
C VAL A 115 -5.26 -5.44 16.42
N ALA A 116 -6.54 -5.80 16.38
CA ALA A 116 -7.36 -5.42 15.23
C ALA A 116 -7.45 -3.90 15.10
N GLU A 117 -7.61 -3.19 16.21
CA GLU A 117 -7.67 -1.73 16.15
C GLU A 117 -6.36 -1.13 15.69
N LEU A 118 -5.23 -1.68 16.15
CA LEU A 118 -3.94 -1.20 15.69
C LEU A 118 -3.80 -1.44 14.20
N SER A 119 -4.28 -2.60 13.72
CA SER A 119 -4.19 -2.92 12.30
C SER A 119 -5.02 -1.95 11.48
N ALA A 120 -6.27 -1.70 11.91
CA ALA A 120 -7.11 -0.74 11.21
C ALA A 120 -6.48 0.64 11.21
N ALA A 121 -5.88 1.07 12.34
CA ALA A 121 -5.27 2.39 12.39
C ALA A 121 -4.07 2.48 11.46
N ALA A 122 -3.24 1.42 11.43
CA ALA A 122 -2.10 1.37 10.52
C ALA A 122 -2.55 1.50 9.06
N VAL A 123 -3.64 0.83 8.69
CA VAL A 123 -4.11 0.86 7.32
C VAL A 123 -4.79 2.19 7.00
N GLN A 124 -5.71 2.62 7.86
CA GLN A 124 -6.70 3.64 7.49
C GLN A 124 -6.27 5.04 7.86
N TYR A 125 -5.29 5.18 8.76
CA TYR A 125 -4.75 6.46 9.18
C TYR A 125 -3.23 6.46 9.06
N SER A 126 -2.62 5.39 8.53
N SER A 126 -2.64 5.38 8.56
CA SER A 126 -1.17 5.30 8.41
CA SER A 126 -1.19 5.28 8.41
C SER A 126 -0.47 5.46 9.77
C SER A 126 -0.47 5.45 9.75
N ASP A 127 -1.11 5.01 10.83
CA ASP A 127 -0.61 5.26 12.19
C ASP A 127 0.76 4.60 12.42
N ASN A 128 1.75 5.42 12.75
CA ASN A 128 3.12 4.90 12.87
C ASN A 128 3.36 4.11 14.14
N ALA A 129 2.87 4.58 15.29
CA ALA A 129 3.03 3.78 16.51
C ALA A 129 2.37 2.41 16.33
N ALA A 130 1.17 2.40 15.75
CA ALA A 130 0.50 1.13 15.50
C ALA A 130 1.34 0.22 14.63
N ALA A 131 1.88 0.78 13.56
CA ALA A 131 2.70 -0.02 12.65
C ALA A 131 3.91 -0.63 13.37
N ASN A 132 4.61 0.17 14.21
CA ASN A 132 5.78 -0.38 14.88
C ASN A 132 5.38 -1.45 15.89
N LEU A 133 4.25 -1.27 16.58
CA LEU A 133 3.80 -2.28 17.52
C LEU A 133 3.50 -3.59 16.81
N LEU A 134 2.81 -3.51 15.66
CA LEU A 134 2.48 -4.72 14.92
C LEU A 134 3.72 -5.36 14.30
N LEU A 135 4.65 -4.55 13.81
CA LEU A 135 5.90 -5.09 13.32
C LEU A 135 6.58 -5.92 14.39
N LYS A 136 6.61 -5.41 15.63
CA LYS A 136 7.23 -6.16 16.71
C LYS A 136 6.54 -7.50 16.88
N GLU A 137 5.21 -7.51 16.80
CA GLU A 137 4.47 -8.77 16.94
C GLU A 137 4.88 -9.80 15.93
N LEU A 138 5.24 -9.38 14.71
CA LEU A 138 5.58 -10.28 13.63
C LEU A 138 7.06 -10.63 13.58
N GLY A 139 7.87 -10.10 14.48
CA GLY A 139 9.29 -10.32 14.42
C GLY A 139 10.05 -9.32 13.59
N GLY A 140 9.53 -8.10 13.45
CA GLY A 140 10.25 -7.02 12.84
C GLY A 140 10.18 -7.03 11.32
N PRO A 141 10.95 -6.13 10.71
CA PRO A 141 10.98 -6.06 9.23
C PRO A 141 11.26 -7.40 8.55
N ALA A 142 12.14 -8.23 9.11
CA ALA A 142 12.38 -9.53 8.48
C ALA A 142 11.17 -10.43 8.58
N GLY A 143 10.36 -10.31 9.64
CA GLY A 143 9.17 -11.14 9.74
C GLY A 143 8.11 -10.75 8.72
N LEU A 144 7.94 -9.45 8.47
CA LEU A 144 7.03 -9.05 7.41
C LEU A 144 7.55 -9.49 6.05
N THR A 145 8.86 -9.33 5.83
CA THR A 145 9.46 -9.80 4.57
C THR A 145 9.22 -11.29 4.38
N ALA A 146 9.37 -12.07 5.45
CA ALA A 146 9.12 -13.51 5.37
C ALA A 146 7.66 -13.80 4.99
N PHE A 147 6.71 -13.02 5.51
CA PHE A 147 5.32 -13.25 5.13
C PHE A 147 5.16 -13.02 3.63
N MET A 148 5.74 -11.94 3.13
CA MET A 148 5.66 -11.66 1.70
C MET A 148 6.31 -12.78 0.88
N ARG A 149 7.46 -13.30 1.31
CA ARG A 149 8.04 -14.44 0.62
C ARG A 149 7.08 -15.64 0.62
N SER A 150 6.32 -15.81 1.70
CA SER A 150 5.45 -16.97 1.83
C SER A 150 4.28 -16.94 0.83
N ILE A 151 3.94 -15.77 0.31
CA ILE A 151 2.90 -15.66 -0.70
C ILE A 151 3.50 -15.59 -2.12
N GLY A 152 4.81 -15.74 -2.24
CA GLY A 152 5.46 -15.78 -3.53
C GLY A 152 6.06 -14.47 -4.01
N ASP A 153 6.14 -13.45 -3.17
CA ASP A 153 6.72 -12.17 -3.51
C ASP A 153 8.19 -12.20 -3.17
N THR A 154 9.03 -12.21 -4.21
CA THR A 154 10.48 -12.24 -4.03
C THR A 154 11.12 -10.88 -4.18
N THR A 155 10.30 -9.83 -4.37
CA THR A 155 10.79 -8.46 -4.58
C THR A 155 10.72 -7.61 -3.31
N PHE A 156 9.61 -7.69 -2.59
CA PHE A 156 9.40 -6.88 -1.41
C PHE A 156 10.55 -7.05 -0.42
N ARG A 157 10.99 -5.93 0.15
CA ARG A 157 11.87 -6.03 1.32
C ARG A 157 11.55 -4.88 2.26
N LEU A 158 11.32 -5.24 3.52
CA LEU A 158 11.32 -4.26 4.60
C LEU A 158 12.56 -4.51 5.43
N ASP A 159 13.26 -3.42 5.77
CA ASP A 159 14.56 -3.47 6.42
C ASP A 159 14.59 -2.71 7.73
N ARG A 160 13.79 -1.66 7.86
CA ARG A 160 13.83 -0.73 8.99
C ARG A 160 12.44 -0.50 9.54
N TRP A 161 12.39 0.26 10.63
CA TRP A 161 11.19 0.59 11.37
C TRP A 161 10.75 2.02 11.06
N GLU A 162 9.59 2.41 11.56
CA GLU A 162 9.19 3.81 11.47
C GLU A 162 9.96 4.62 12.51
N LEU A 163 10.51 5.76 12.12
N LEU A 163 10.52 5.76 12.13
CA LEU A 163 10.35 6.45 10.80
CA LEU A 163 10.36 6.47 10.82
C LEU A 163 11.56 6.31 9.88
C LEU A 163 11.56 6.30 9.88
N GLU A 164 12.59 5.57 10.30
CA GLU A 164 13.81 5.48 9.51
C GLU A 164 13.59 4.91 8.11
N LEU A 165 12.58 4.07 7.93
CA LEU A 165 12.34 3.44 6.64
C LEU A 165 11.91 4.41 5.55
N ASN A 166 11.64 5.68 5.88
CA ASN A 166 11.19 6.67 4.91
C ASN A 166 12.30 7.46 4.22
N SER A 167 13.58 7.09 4.41
CA SER A 167 14.66 7.93 3.92
C SER A 167 14.69 8.05 2.39
N ALA A 168 14.24 7.03 1.68
CA ALA A 168 14.00 7.11 0.23
C ALA A 168 15.24 7.55 -0.56
N ILE A 169 16.40 7.08 -0.12
CA ILE A 169 17.66 7.53 -0.72
C ILE A 169 17.78 6.97 -2.12
N PRO A 170 18.12 7.79 -3.11
CA PRO A 170 18.25 7.27 -4.48
C PRO A 170 19.22 6.12 -4.57
N GLY A 171 18.74 5.02 -5.17
CA GLY A 171 19.54 3.82 -5.37
C GLY A 171 19.55 2.84 -4.22
N ASP A 172 18.97 3.20 -3.08
CA ASP A 172 18.97 2.36 -1.89
C ASP A 172 17.80 1.38 -2.00
N ALA A 173 18.09 0.08 -2.02
CA ALA A 173 17.05 -0.92 -2.12
C ALA A 173 16.33 -1.17 -0.79
N ARG A 174 16.84 -0.69 0.34
CA ARG A 174 16.14 -0.97 1.58
C ARG A 174 14.72 -0.42 1.55
N ASP A 175 13.78 -1.19 2.11
CA ASP A 175 12.40 -0.73 2.27
C ASP A 175 11.77 -0.33 0.94
N THR A 176 11.95 -1.19 -0.07
CA THR A 176 11.41 -0.96 -1.39
C THR A 176 10.66 -2.19 -1.89
N SER A 177 9.82 -1.96 -2.89
CA SER A 177 9.35 -3.04 -3.75
C SER A 177 9.18 -2.47 -5.16
N SER A 178 8.57 -3.25 -6.04
CA SER A 178 8.25 -2.77 -7.38
C SER A 178 6.74 -2.61 -7.53
N PRO A 179 6.29 -1.74 -8.44
CA PRO A 179 4.83 -1.64 -8.68
C PRO A 179 4.24 -2.96 -9.05
N ARG A 180 4.95 -3.75 -9.87
CA ARG A 180 4.43 -5.05 -10.28
C ARG A 180 4.24 -6.00 -9.09
N ALA A 181 5.28 -6.14 -8.26
CA ALA A 181 5.18 -7.05 -7.13
C ALA A 181 4.13 -6.60 -6.12
N VAL A 182 4.01 -5.29 -5.92
CA VAL A 182 2.96 -4.76 -5.05
C VAL A 182 1.59 -5.17 -5.57
N THR A 183 1.34 -4.98 -6.87
CA THR A 183 0.06 -5.35 -7.45
C THR A 183 -0.19 -6.85 -7.38
N GLU A 184 0.82 -7.65 -7.71
CA GLU A 184 0.67 -9.09 -7.66
C GLU A 184 0.35 -9.57 -6.26
N SER A 185 1.05 -9.05 -5.26
CA SER A 185 0.76 -9.44 -3.89
C SER A 185 -0.60 -8.92 -3.42
N LEU A 186 -0.95 -7.69 -3.79
CA LEU A 186 -2.26 -7.18 -3.42
C LEU A 186 -3.36 -8.05 -4.00
N GLN A 187 -3.22 -8.48 -5.26
N GLN A 187 -3.22 -8.49 -5.25
N GLN A 187 -3.21 -8.50 -5.25
CA GLN A 187 -4.20 -9.36 -5.86
CA GLN A 187 -4.24 -9.35 -5.83
CA GLN A 187 -4.21 -9.36 -5.86
C GLN A 187 -4.34 -10.65 -5.07
C GLN A 187 -4.35 -10.67 -5.06
C GLN A 187 -4.34 -10.67 -5.10
N LYS A 188 -3.20 -11.27 -4.72
CA LYS A 188 -3.24 -12.54 -4.02
C LYS A 188 -3.98 -12.43 -2.69
N LEU A 189 -3.80 -11.30 -2.00
CA LEU A 189 -4.32 -11.10 -0.66
C LEU A 189 -5.77 -10.64 -0.65
N THR A 190 -6.22 -9.87 -1.65
CA THR A 190 -7.57 -9.34 -1.64
C THR A 190 -8.54 -10.14 -2.51
N LEU A 191 -8.04 -10.85 -3.52
CA LEU A 191 -8.90 -11.55 -4.47
C LEU A 191 -8.54 -13.02 -4.60
N GLY A 192 -7.28 -13.36 -4.38
CA GLY A 192 -6.80 -14.72 -4.47
C GLY A 192 -6.96 -15.49 -3.18
N SER A 193 -6.12 -16.49 -2.99
CA SER A 193 -6.26 -17.42 -1.88
C SER A 193 -5.17 -17.28 -0.81
N ALA A 194 -4.40 -16.19 -0.81
CA ALA A 194 -3.33 -16.08 0.17
C ALA A 194 -3.87 -15.96 1.59
N LEU A 195 -5.06 -15.38 1.76
CA LEU A 195 -5.76 -15.35 3.04
C LEU A 195 -7.02 -16.21 2.94
N ALA A 196 -7.42 -16.78 4.07
CA ALA A 196 -8.71 -17.43 4.14
C ALA A 196 -9.82 -16.41 3.94
N ALA A 197 -10.99 -16.89 3.53
CA ALA A 197 -12.05 -15.98 3.07
C ALA A 197 -12.44 -14.94 4.11
N PRO A 198 -12.64 -15.26 5.38
CA PRO A 198 -13.03 -14.21 6.33
C PRO A 198 -11.96 -13.15 6.47
N GLN A 199 -10.69 -13.58 6.54
CA GLN A 199 -9.59 -12.63 6.69
C GLN A 199 -9.39 -11.81 5.43
N ARG A 200 -9.60 -12.41 4.26
N ARG A 200 -9.61 -12.42 4.26
CA ARG A 200 -9.55 -11.67 3.01
CA ARG A 200 -9.54 -11.66 3.01
C ARG A 200 -10.54 -10.52 3.02
C ARG A 200 -10.54 -10.52 3.02
N GLN A 201 -11.79 -10.78 3.42
CA GLN A 201 -12.79 -9.73 3.42
C GLN A 201 -12.46 -8.68 4.47
N GLN A 202 -11.89 -9.08 5.61
CA GLN A 202 -11.46 -8.07 6.59
C GLN A 202 -10.38 -7.18 6.02
N PHE A 203 -9.41 -7.75 5.31
CA PHE A 203 -8.37 -6.94 4.70
C PHE A 203 -8.97 -5.97 3.70
N VAL A 204 -9.87 -6.47 2.83
CA VAL A 204 -10.58 -5.61 1.90
C VAL A 204 -11.30 -4.49 2.64
N ASP A 205 -12.03 -4.83 3.72
CA ASP A 205 -12.80 -3.81 4.42
C ASP A 205 -11.90 -2.75 5.03
N TRP A 206 -10.75 -3.14 5.57
CA TRP A 206 -9.81 -2.15 6.09
C TRP A 206 -9.34 -1.22 4.97
N LEU A 207 -8.97 -1.78 3.81
CA LEU A 207 -8.56 -0.94 2.69
C LEU A 207 -9.69 -0.02 2.22
N LYS A 208 -10.92 -0.53 2.18
CA LYS A 208 -12.05 0.29 1.76
C LYS A 208 -12.25 1.49 2.69
N GLY A 209 -11.98 1.31 3.98
CA GLY A 209 -12.14 2.35 4.97
C GLY A 209 -10.95 3.28 5.10
N ASN A 210 -9.95 3.18 4.22
CA ASN A 210 -8.83 4.10 4.30
C ASN A 210 -9.31 5.54 4.18
N THR A 211 -8.72 6.42 4.98
CA THR A 211 -9.04 7.83 4.97
C THR A 211 -8.01 8.72 4.29
N THR A 212 -6.84 8.19 3.91
CA THR A 212 -5.73 9.03 3.50
C THR A 212 -5.57 9.13 1.98
N GLY A 213 -6.41 8.44 1.21
CA GLY A 213 -6.17 8.32 -0.21
C GLY A 213 -7.12 9.02 -1.15
N ASN A 214 -7.90 9.97 -0.66
CA ASN A 214 -8.96 10.54 -1.48
C ASN A 214 -8.44 11.30 -2.69
N HIS A 215 -7.19 11.76 -2.67
CA HIS A 215 -6.62 12.53 -3.77
C HIS A 215 -5.71 11.72 -4.67
N ARG A 216 -5.66 10.41 -4.49
CA ARG A 216 -4.74 9.55 -5.23
C ARG A 216 -5.57 8.64 -6.16
N ILE A 217 -5.42 7.32 -6.10
CA ILE A 217 -6.13 6.47 -7.04
C ILE A 217 -7.64 6.71 -6.99
N ARG A 218 -8.19 6.90 -5.78
CA ARG A 218 -9.62 7.14 -5.64
C ARG A 218 -10.11 8.30 -6.47
N ALA A 219 -9.27 9.33 -6.67
CA ALA A 219 -9.70 10.49 -7.44
C ALA A 219 -9.90 10.16 -8.91
N ALA A 220 -9.38 9.02 -9.38
CA ALA A 220 -9.55 8.56 -10.74
C ALA A 220 -10.68 7.55 -10.88
N VAL A 221 -11.30 7.14 -9.78
CA VAL A 221 -12.27 6.06 -9.73
C VAL A 221 -13.66 6.65 -9.54
N PRO A 222 -14.62 6.37 -10.43
CA PRO A 222 -15.99 6.89 -10.26
C PRO A 222 -16.55 6.56 -8.88
N ALA A 223 -17.37 7.49 -8.37
CA ALA A 223 -17.91 7.36 -7.03
C ALA A 223 -18.80 6.15 -6.85
N ASP A 224 -19.39 5.63 -7.92
CA ASP A 224 -20.28 4.47 -7.79
C ASP A 224 -19.56 3.13 -7.90
N TRP A 225 -18.22 3.12 -7.87
CA TRP A 225 -17.46 1.87 -7.84
C TRP A 225 -16.85 1.71 -6.45
N ALA A 226 -16.71 0.46 -6.01
CA ALA A 226 -16.06 0.20 -4.73
C ALA A 226 -14.55 0.21 -4.92
N VAL A 227 -13.84 0.62 -3.86
CA VAL A 227 -12.39 0.75 -3.92
C VAL A 227 -11.82 0.69 -2.52
N GLY A 228 -10.67 0.04 -2.41
CA GLY A 228 -9.86 0.13 -1.21
C GLY A 228 -8.43 0.43 -1.61
N ASP A 229 -7.71 1.13 -0.74
CA ASP A 229 -6.34 1.54 -1.09
C ASP A 229 -5.50 1.69 0.16
N LYS A 230 -4.18 1.73 -0.05
CA LYS A 230 -3.22 2.14 0.97
C LYS A 230 -2.19 3.08 0.35
N THR A 231 -2.00 4.24 0.97
CA THR A 231 -1.05 5.23 0.51
C THR A 231 0.32 5.08 1.16
N GLY A 232 1.30 5.73 0.55
CA GLY A 232 2.59 5.95 1.16
C GLY A 232 3.15 7.30 0.80
N THR A 233 3.78 7.98 1.77
CA THR A 233 4.38 9.29 1.55
C THR A 233 5.65 9.36 2.38
N CYS A 234 6.82 9.42 1.75
CA CYS A 234 8.07 9.41 2.49
C CYS A 234 8.50 10.77 2.99
N GLY A 235 8.05 11.85 2.33
CA GLY A 235 8.40 13.20 2.77
C GLY A 235 9.66 13.77 2.17
N VAL A 236 10.38 13.00 1.36
CA VAL A 236 11.61 13.44 0.71
C VAL A 236 11.65 12.81 -0.67
N TYR A 237 12.50 13.37 -1.54
CA TYR A 237 12.82 12.76 -2.84
C TYR A 237 11.57 12.54 -3.69
N GLY A 238 10.60 13.46 -3.59
CA GLY A 238 9.37 13.33 -4.36
C GLY A 238 8.72 11.97 -4.30
N THR A 239 8.83 11.28 -3.17
CA THR A 239 8.53 9.85 -3.09
C THR A 239 7.19 9.64 -2.39
N ALA A 240 6.21 9.14 -3.15
CA ALA A 240 4.88 8.86 -2.62
C ALA A 240 4.23 7.85 -3.55
N ASN A 241 3.14 7.25 -3.07
CA ASN A 241 2.58 6.10 -3.79
C ASN A 241 1.18 5.79 -3.29
N ASP A 242 0.54 4.87 -3.98
CA ASP A 242 -0.79 4.35 -3.61
C ASP A 242 -0.95 3.04 -4.35
N TYR A 243 -1.63 2.09 -3.71
CA TYR A 243 -2.09 0.89 -4.40
C TYR A 243 -3.54 0.65 -4.04
N ALA A 244 -4.27 -0.02 -4.93
CA ALA A 244 -5.70 -0.15 -4.77
C ALA A 244 -6.24 -1.37 -5.47
N VAL A 245 -7.34 -1.87 -4.92
N VAL A 245 -7.39 -1.82 -4.96
CA VAL A 245 -8.24 -2.76 -5.63
CA VAL A 245 -8.23 -2.79 -5.63
C VAL A 245 -9.49 -1.96 -5.92
C VAL A 245 -9.58 -2.11 -5.88
N VAL A 246 -10.00 -2.11 -7.15
CA VAL A 246 -11.14 -1.35 -7.64
C VAL A 246 -12.14 -2.32 -8.22
N TRP A 247 -13.41 -2.18 -7.86
CA TRP A 247 -14.47 -3.01 -8.40
C TRP A 247 -15.38 -2.17 -9.28
N PRO A 248 -15.09 -2.04 -10.57
CA PRO A 248 -16.06 -1.38 -11.47
C PRO A 248 -17.31 -2.23 -11.51
N THR A 249 -18.45 -1.59 -11.66
CA THR A 249 -19.68 -2.36 -11.76
C THR A 249 -19.72 -3.11 -13.08
N GLY A 250 -20.22 -4.33 -13.04
CA GLY A 250 -20.44 -5.06 -14.26
C GLY A 250 -19.23 -5.70 -14.90
N ARG A 251 -18.04 -5.63 -14.31
CA ARG A 251 -16.86 -6.29 -14.86
C ARG A 251 -15.96 -6.70 -13.70
N ALA A 252 -14.88 -7.41 -14.01
CA ALA A 252 -14.00 -7.94 -13.00
C ALA A 252 -13.17 -6.85 -12.34
N PRO A 253 -12.72 -7.07 -11.12
CA PRO A 253 -11.93 -6.04 -10.45
C PRO A 253 -10.59 -5.78 -11.11
N ILE A 254 -10.08 -4.58 -10.85
CA ILE A 254 -8.77 -4.12 -11.31
C ILE A 254 -7.90 -3.94 -10.07
N VAL A 255 -6.63 -4.36 -10.17
N VAL A 255 -6.65 -4.37 -10.16
CA VAL A 255 -5.66 -4.14 -9.12
CA VAL A 255 -5.67 -4.14 -9.10
C VAL A 255 -4.56 -3.27 -9.70
C VAL A 255 -4.56 -3.28 -9.69
N LEU A 256 -4.14 -2.25 -8.97
CA LEU A 256 -3.11 -1.38 -9.50
C LEU A 256 -2.26 -0.73 -8.43
N ALA A 257 -1.07 -0.32 -8.86
CA ALA A 257 -0.10 0.34 -8.01
C ALA A 257 0.57 1.47 -8.79
N VAL A 258 0.73 2.61 -8.10
CA VAL A 258 1.37 3.79 -8.67
C VAL A 258 2.37 4.30 -7.65
N TYR A 259 3.64 4.32 -8.03
CA TYR A 259 4.74 4.74 -7.17
C TYR A 259 5.51 5.87 -7.85
N THR A 260 5.99 6.83 -7.06
CA THR A 260 6.81 7.91 -7.58
C THR A 260 8.07 8.10 -6.76
N ARG A 261 9.06 8.69 -7.41
N ARG A 261 9.05 8.70 -7.42
CA ARG A 261 10.24 9.23 -6.75
CA ARG A 261 10.26 9.20 -6.79
C ARG A 261 10.82 10.30 -7.66
C ARG A 261 10.84 10.28 -7.68
N ALA A 262 11.82 11.01 -7.16
CA ALA A 262 12.41 12.14 -7.85
C ALA A 262 13.84 12.30 -7.37
N PRO A 263 14.70 12.99 -8.13
CA PRO A 263 16.15 12.88 -7.86
C PRO A 263 16.62 13.69 -6.66
N ASN A 264 15.96 14.78 -6.29
CA ASN A 264 16.49 15.70 -5.29
C ASN A 264 15.75 15.54 -3.98
N LYS A 265 16.48 15.67 -2.88
CA LYS A 265 15.89 15.41 -1.58
C LYS A 265 14.68 16.31 -1.34
N ASP A 266 14.75 17.57 -1.73
N ASP A 266 14.77 17.58 -1.78
CA ASP A 266 13.63 18.47 -1.47
CA ASP A 266 13.71 18.56 -1.55
C ASP A 266 12.63 18.56 -2.62
C ASP A 266 12.61 18.52 -2.60
N ASP A 267 12.68 17.64 -3.58
CA ASP A 267 11.61 17.57 -4.57
C ASP A 267 10.32 17.15 -3.87
N LYS A 268 9.21 17.80 -4.21
CA LYS A 268 7.94 17.52 -3.56
C LYS A 268 7.22 16.38 -4.28
N HIS A 269 6.48 15.57 -3.52
CA HIS A 269 5.57 14.60 -4.12
C HIS A 269 4.35 15.32 -4.65
N SER A 270 3.57 14.60 -5.44
CA SER A 270 2.35 15.14 -6.03
C SER A 270 1.27 14.08 -5.94
N GLU A 271 0.16 14.42 -5.27
CA GLU A 271 -1.00 13.55 -5.29
C GLU A 271 -1.65 13.57 -6.67
N ALA A 272 -1.70 14.75 -7.30
CA ALA A 272 -2.34 14.85 -8.60
C ALA A 272 -1.66 13.96 -9.65
N VAL A 273 -0.33 13.83 -9.57
N VAL A 273 -0.33 13.81 -9.58
CA VAL A 273 0.38 12.98 -10.52
CA VAL A 273 0.34 12.97 -10.56
C VAL A 273 -0.01 11.52 -10.34
C VAL A 273 -0.04 11.51 -10.35
N ILE A 274 -0.21 11.09 -9.09
CA ILE A 274 -0.65 9.74 -8.82
C ILE A 274 -2.04 9.49 -9.37
N ALA A 275 -2.98 10.44 -9.15
CA ALA A 275 -4.31 10.30 -9.70
C ALA A 275 -4.26 10.27 -11.22
N ALA A 276 -3.44 11.11 -11.82
CA ALA A 276 -3.36 11.17 -13.27
C ALA A 276 -2.81 9.87 -13.83
N ALA A 277 -1.81 9.29 -13.17
CA ALA A 277 -1.27 8.02 -13.62
C ALA A 277 -2.30 6.90 -13.49
N ALA A 278 -3.09 6.91 -12.42
CA ALA A 278 -4.16 5.94 -12.27
C ALA A 278 -5.19 6.08 -13.39
N ARG A 279 -5.51 7.32 -13.77
N ARG A 279 -5.53 7.32 -13.77
CA ARG A 279 -6.44 7.55 -14.88
CA ARG A 279 -6.44 7.52 -14.88
C ARG A 279 -5.90 6.98 -16.19
C ARG A 279 -5.89 6.92 -16.16
N LEU A 280 -4.62 7.17 -16.45
CA LEU A 280 -3.99 6.60 -17.65
C LEU A 280 -4.02 5.08 -17.61
N ALA A 281 -3.79 4.49 -16.44
CA ALA A 281 -3.80 3.03 -16.34
C ALA A 281 -5.18 2.49 -16.65
N LEU A 282 -6.24 3.10 -16.09
CA LEU A 282 -7.59 2.65 -16.38
C LEU A 282 -7.92 2.82 -17.86
N GLU A 283 -7.50 3.93 -18.46
CA GLU A 283 -7.71 4.14 -19.89
C GLU A 283 -7.00 3.07 -20.70
N GLY A 284 -5.76 2.75 -20.29
CA GLY A 284 -5.00 1.74 -21.01
C GLY A 284 -5.65 0.37 -20.96
N LEU A 285 -6.39 0.10 -19.90
CA LEU A 285 -7.12 -1.17 -19.77
C LEU A 285 -8.47 -1.13 -20.47
N GLY A 286 -8.88 0.01 -21.02
CA GLY A 286 -10.19 0.10 -21.65
C GLY A 286 -11.33 0.13 -20.67
N VAL A 287 -11.06 0.48 -19.42
CA VAL A 287 -12.09 0.57 -18.39
C VAL A 287 -12.68 1.98 -18.47
N ASN A 288 -13.96 2.06 -18.84
CA ASN A 288 -14.61 3.35 -18.96
C ASN A 288 -14.89 3.91 -17.58
N GLY A 289 -14.42 5.13 -17.33
CA GLY A 289 -14.67 5.80 -16.06
C GLY A 289 -15.54 7.04 -16.14
#